data_1WCT
# 
_entry.id   1WCT 
# 
_audit_conform.dict_name       mmcif_pdbx.dic 
_audit_conform.dict_version    5.403 
_audit_conform.dict_location   http://mmcif.pdb.org/dictionaries/ascii/mmcif_pdbx.dic 
# 
loop_
_database_2.database_id 
_database_2.database_code 
_database_2.pdbx_database_accession 
_database_2.pdbx_DOI 
PDB   1WCT         pdb_00001wct 10.2210/pdb1wct/pdb 
WWPDB D_1000177175 ?            ?                   
# 
loop_
_pdbx_audit_revision_history.ordinal 
_pdbx_audit_revision_history.data_content_type 
_pdbx_audit_revision_history.major_revision 
_pdbx_audit_revision_history.minor_revision 
_pdbx_audit_revision_history.revision_date 
_pdbx_audit_revision_history.part_number 
1 'Structure model' 1 0 1999-06-08 ? 
2 'Structure model' 1 1 2008-03-24 ? 
3 'Structure model' 1 2 2011-07-13 ? 
4 'Structure model' 1 3 2017-11-29 ? 
5 'Structure model' 2 0 2020-07-29 ? 
6 'Structure model' 2 1 2025-03-26 ? 
# 
loop_
_pdbx_audit_revision_details.ordinal 
_pdbx_audit_revision_details.revision_ordinal 
_pdbx_audit_revision_details.data_content_type 
_pdbx_audit_revision_details.provider 
_pdbx_audit_revision_details.type 
_pdbx_audit_revision_details.description 
_pdbx_audit_revision_details.details 
1 1 'Structure model' repository 'Initial release' ?                          ? 
2 5 'Structure model' repository Remediation       'Carbohydrate remediation' ? 
# 
loop_
_pdbx_audit_revision_group.ordinal 
_pdbx_audit_revision_group.revision_ordinal 
_pdbx_audit_revision_group.data_content_type 
_pdbx_audit_revision_group.group 
1  2 'Structure model' 'Version format compliance' 
2  3 'Structure model' 'Version format compliance' 
3  4 'Structure model' Advisory                    
4  4 'Structure model' 'Derived calculations'      
5  4 'Structure model' Other                       
6  5 'Structure model' 'Atomic model'              
7  5 'Structure model' 'Data collection'           
8  5 'Structure model' 'Derived calculations'      
9  5 'Structure model' 'Non-polymer description'   
10 5 'Structure model' 'Polymer sequence'          
11 5 'Structure model' 'Structure summary'         
12 6 'Structure model' 'Data collection'           
13 6 'Structure model' 'Database references'       
14 6 'Structure model' 'Structure summary'         
# 
loop_
_pdbx_audit_revision_category.ordinal 
_pdbx_audit_revision_category.revision_ordinal 
_pdbx_audit_revision_category.data_content_type 
_pdbx_audit_revision_category.category 
1  4 'Structure model' pdbx_database_status          
2  4 'Structure model' pdbx_struct_assembly          
3  4 'Structure model' pdbx_struct_oper_list         
4  4 'Structure model' pdbx_validate_polymer_linkage 
5  4 'Structure model' struct_conf                   
6  5 'Structure model' atom_site                     
7  5 'Structure model' chem_comp                     
8  5 'Structure model' entity                        
9  5 'Structure model' entity_poly                   
10 5 'Structure model' entity_poly_seq               
11 5 'Structure model' pdbx_branch_scheme            
12 5 'Structure model' pdbx_chem_comp_identifier     
13 5 'Structure model' pdbx_entity_branch            
14 5 'Structure model' pdbx_entity_branch_descriptor 
15 5 'Structure model' pdbx_entity_branch_link       
16 5 'Structure model' pdbx_entity_branch_list       
17 5 'Structure model' pdbx_nmr_software             
18 5 'Structure model' pdbx_poly_seq_scheme          
19 5 'Structure model' pdbx_struct_assembly_gen      
20 5 'Structure model' pdbx_validate_torsion         
21 5 'Structure model' struct_asym                   
22 5 'Structure model' struct_conn                   
23 6 'Structure model' chem_comp                     
24 6 'Structure model' chem_comp_atom                
25 6 'Structure model' chem_comp_bond                
26 6 'Structure model' database_2                    
27 6 'Structure model' pdbx_entry_details            
28 6 'Structure model' pdbx_modification_feature     
# 
loop_
_pdbx_audit_revision_item.ordinal 
_pdbx_audit_revision_item.revision_ordinal 
_pdbx_audit_revision_item.data_content_type 
_pdbx_audit_revision_item.item 
1  4 'Structure model' '_pdbx_database_status.process_site'        
2  5 'Structure model' '_atom_site.Cartn_x'                        
3  5 'Structure model' '_atom_site.Cartn_y'                        
4  5 'Structure model' '_atom_site.Cartn_z'                        
5  5 'Structure model' '_atom_site.auth_asym_id'                   
6  5 'Structure model' '_atom_site.auth_atom_id'                   
7  5 'Structure model' '_atom_site.auth_comp_id'                   
8  5 'Structure model' '_atom_site.auth_seq_id'                    
9  5 'Structure model' '_atom_site.group_PDB'                      
10 5 'Structure model' '_atom_site.label_asym_id'                  
11 5 'Structure model' '_atom_site.label_atom_id'                  
12 5 'Structure model' '_atom_site.label_comp_id'                  
13 5 'Structure model' '_atom_site.label_entity_id'                
14 5 'Structure model' '_atom_site.label_seq_id'                   
15 5 'Structure model' '_atom_site.type_symbol'                    
16 5 'Structure model' '_chem_comp.formula'                        
17 5 'Structure model' '_chem_comp.formula_weight'                 
18 5 'Structure model' '_chem_comp.id'                             
19 5 'Structure model' '_chem_comp.mon_nstd_flag'                  
20 5 'Structure model' '_chem_comp.name'                           
21 5 'Structure model' '_chem_comp.pdbx_synonyms'                  
22 5 'Structure model' '_chem_comp.type'                           
23 5 'Structure model' '_entity_poly.pdbx_seq_one_letter_code'     
24 5 'Structure model' '_entity_poly.pdbx_seq_one_letter_code_can' 
25 5 'Structure model' '_entity_poly_seq.mon_id'                   
26 5 'Structure model' '_pdbx_nmr_software.name'                   
27 5 'Structure model' '_pdbx_poly_seq_scheme.mon_id'              
28 5 'Structure model' '_pdbx_poly_seq_scheme.pdb_mon_id'          
29 5 'Structure model' '_pdbx_struct_assembly_gen.asym_id_list'    
30 5 'Structure model' '_struct_conn.pdbx_dist_value'              
31 5 'Structure model' '_struct_conn.pdbx_leaving_atom_flag'       
32 5 'Structure model' '_struct_conn.pdbx_role'                    
33 5 'Structure model' '_struct_conn.pdbx_value_order'             
34 5 'Structure model' '_struct_conn.ptnr1_auth_asym_id'           
35 5 'Structure model' '_struct_conn.ptnr1_auth_comp_id'           
36 5 'Structure model' '_struct_conn.ptnr1_auth_seq_id'            
37 5 'Structure model' '_struct_conn.ptnr1_label_asym_id'          
38 5 'Structure model' '_struct_conn.ptnr1_label_atom_id'          
39 5 'Structure model' '_struct_conn.ptnr1_label_comp_id'          
40 5 'Structure model' '_struct_conn.ptnr1_label_seq_id'           
41 5 'Structure model' '_struct_conn.ptnr2_auth_asym_id'           
42 5 'Structure model' '_struct_conn.ptnr2_auth_comp_id'           
43 5 'Structure model' '_struct_conn.ptnr2_auth_seq_id'            
44 5 'Structure model' '_struct_conn.ptnr2_label_asym_id'          
45 5 'Structure model' '_struct_conn.ptnr2_label_atom_id'          
46 5 'Structure model' '_struct_conn.ptnr2_label_comp_id'          
47 5 'Structure model' '_struct_conn.ptnr2_label_seq_id'           
48 6 'Structure model' '_chem_comp.pdbx_synonyms'                  
49 6 'Structure model' '_database_2.pdbx_DOI'                      
50 6 'Structure model' '_database_2.pdbx_database_accession'       
# 
_pdbx_database_status.status_code                     REL 
_pdbx_database_status.entry_id                        1WCT 
_pdbx_database_status.recvd_initial_deposition_date   1998-12-18 
_pdbx_database_status.deposit_site                    ? 
_pdbx_database_status.process_site                    BNL 
_pdbx_database_status.status_code_sf                  ? 
_pdbx_database_status.status_code_mr                  REL 
_pdbx_database_status.SG_entry                        ? 
_pdbx_database_status.pdb_format_compatible           Y 
_pdbx_database_status.status_code_cs                  ? 
_pdbx_database_status.methods_development_category    ? 
_pdbx_database_status.status_code_nmr_data            ? 
# 
loop_
_audit_author.name 
_audit_author.pdbx_ordinal 
'Rigby, A.C.'  1 
'Hambe, B.'    2 
'Czerwiec, E.' 3 
'Baleja, J.D.' 4 
'Furie, B.C.'  5 
'Furie, B.'    6 
'Stenflo, J.'  7 
# 
_citation.id                        primary 
_citation.title                     
'A conotoxin from Conus textile with unusual posttranslational modifications reduces presynaptic Ca2+ influx.' 
_citation.journal_abbrev            Proc.Natl.Acad.Sci.USA 
_citation.journal_volume            96 
_citation.page_first                5758 
_citation.page_last                 5763 
_citation.year                      1999 
_citation.journal_id_ASTM           PNASA6 
_citation.country                   US 
_citation.journal_id_ISSN           0027-8424 
_citation.journal_id_CSD            0040 
_citation.book_publisher            ? 
_citation.pdbx_database_id_PubMed   10318957 
_citation.pdbx_database_id_DOI      10.1073/pnas.96.10.5758 
# 
loop_
_citation_author.citation_id 
_citation_author.name 
_citation_author.ordinal 
_citation_author.identifier_ORCID 
primary 'Rigby, A.C.'       1  ? 
primary 'Lucas-Meunier, E.' 2  ? 
primary 'Kalume, D.E.'      3  ? 
primary 'Czerwiec, E.'      4  ? 
primary 'Hambe, B.'         5  ? 
primary 'Dahlqvist, I.'     6  ? 
primary 'Fossier, P.'       7  ? 
primary 'Baux, G.'          8  ? 
primary 'Roepstorff, P.'    9  ? 
primary 'Baleja, J.D.'      10 ? 
primary 'Furie, B.C.'       11 ? 
primary 'Furie, B.'         12 ? 
primary 'Stenflo, J.'       13 ? 
# 
loop_
_entity.id 
_entity.type 
_entity.src_method 
_entity.pdbx_description 
_entity.formula_weight 
_entity.pdbx_number_of_molecules 
_entity.pdbx_ec 
_entity.pdbx_mutation 
_entity.pdbx_fragment 
_entity.details 
1 polymer  nat OMEGAC-TXIX                                                               1570.454 1 ? ? ? 
'GAMMA CARBOXYLATED, BROMINATED, GLYCOSYLATED, HYDROXYLATED' 
2 branched man 'beta-D-galactopyranose-(1-3)-2-acetamido-2-deoxy-beta-D-galactopyranose' 383.349  1 ? ? ? ? 
# 
_entity_poly.entity_id                      1 
_entity_poly.type                           'polypeptide(L)' 
_entity_poly.nstd_linkage                   no 
_entity_poly.nstd_monomer                   yes 
_entity_poly.pdbx_seq_one_letter_code       '(CGU)CC(CGU)DG(BTR)CCTAA(HYP)' 
_entity_poly.pdbx_seq_one_letter_code_can   ECCEDGWCCTAAP 
_entity_poly.pdbx_strand_id                 A 
_entity_poly.pdbx_target_identifier         ? 
# 
loop_
_entity_poly_seq.entity_id 
_entity_poly_seq.num 
_entity_poly_seq.mon_id 
_entity_poly_seq.hetero 
1 1  CGU n 
1 2  CYS n 
1 3  CYS n 
1 4  CGU n 
1 5  ASP n 
1 6  GLY n 
1 7  BTR n 
1 8  CYS n 
1 9  CYS n 
1 10 THR n 
1 11 ALA n 
1 12 ALA n 
1 13 HYP n 
# 
_entity_src_nat.entity_id                  1 
_entity_src_nat.pdbx_src_id                1 
_entity_src_nat.pdbx_alt_source_flag       sample 
_entity_src_nat.pdbx_beg_seq_num           ? 
_entity_src_nat.pdbx_end_seq_num           ? 
_entity_src_nat.common_name                'cloth-of-gold cone' 
_entity_src_nat.pdbx_organism_scientific   'Conus textile' 
_entity_src_nat.pdbx_ncbi_taxonomy_id      6494 
_entity_src_nat.genus                      Conus 
_entity_src_nat.species                    ? 
_entity_src_nat.strain                     ? 
_entity_src_nat.tissue                     ? 
_entity_src_nat.tissue_fraction            ? 
_entity_src_nat.pdbx_secretion             VENOM 
_entity_src_nat.pdbx_fragment              ? 
_entity_src_nat.pdbx_variant               ? 
_entity_src_nat.pdbx_cell_line             ? 
_entity_src_nat.pdbx_atcc                  ? 
_entity_src_nat.pdbx_cellular_location     'VENOM DUCT' 
_entity_src_nat.pdbx_organ                 ? 
_entity_src_nat.pdbx_organelle             ? 
_entity_src_nat.pdbx_cell                  ? 
_entity_src_nat.pdbx_plasmid_name          ? 
_entity_src_nat.pdbx_plasmid_details       ? 
_entity_src_nat.details                    'ISOLATED NATURAL PEPTIDE' 
# 
_pdbx_entity_branch.entity_id   2 
_pdbx_entity_branch.type        oligosaccharide 
# 
loop_
_pdbx_entity_branch_descriptor.ordinal 
_pdbx_entity_branch_descriptor.entity_id 
_pdbx_entity_branch_descriptor.descriptor 
_pdbx_entity_branch_descriptor.type 
_pdbx_entity_branch_descriptor.program 
_pdbx_entity_branch_descriptor.program_version 
1 2 DGalpb1-3DGalpNAcb1-                                                 'Glycam Condensed Sequence' GMML       1.0   
2 2 'WURCS=2.0/2,2,1/[a2112h-1b_1-5_2*NCC/3=O][a2112h-1b_1-5]/1-2/a3-b1' WURCS                       PDB2Glycan 1.1.0 
3 2 '[]{[(3+1)][b-D-GalpNAc]{[(3+1)][b-D-Galp]{}}}'                      LINUCS                      PDB-CARE   ?     
# 
_pdbx_entity_branch_link.link_id                    1 
_pdbx_entity_branch_link.entity_id                  2 
_pdbx_entity_branch_link.entity_branch_list_num_1   2 
_pdbx_entity_branch_link.comp_id_1                  GAL 
_pdbx_entity_branch_link.atom_id_1                  C1 
_pdbx_entity_branch_link.leaving_atom_id_1          O1 
_pdbx_entity_branch_link.entity_branch_list_num_2   1 
_pdbx_entity_branch_link.comp_id_2                  NGA 
_pdbx_entity_branch_link.atom_id_2                  O3 
_pdbx_entity_branch_link.leaving_atom_id_2          HO3 
_pdbx_entity_branch_link.value_order                sing 
_pdbx_entity_branch_link.details                    ? 
# 
loop_
_chem_comp.id 
_chem_comp.type 
_chem_comp.mon_nstd_flag 
_chem_comp.name 
_chem_comp.pdbx_synonyms 
_chem_comp.formula 
_chem_comp.formula_weight 
ALA 'L-peptide linking'          y ALANINE                                    ? 'C3 H7 N O2'       89.093  
ASP 'L-peptide linking'          y 'ASPARTIC ACID'                            ? 'C4 H7 N O4'       133.103 
BTR 'L-peptide linking'          n 6-BROMO-TRYPTOPHAN                         ? 'C11 H11 Br N2 O2' 283.121 
CGU 'L-peptide linking'          n 'GAMMA-CARBOXY-GLUTAMIC ACID'              ? 'C6 H9 N O6'       191.139 
CYS 'L-peptide linking'          y CYSTEINE                                   ? 'C3 H7 N O2 S'     121.158 
GAL 'D-saccharide, beta linking' . beta-D-galactopyranose                     'beta-D-galactose; D-galactose; galactose' 
'C6 H12 O6'        180.156 
GLY 'peptide linking'            y GLYCINE                                    ? 'C2 H5 N O2'       75.067  
HYP 'L-peptide linking'          n 4-HYDROXYPROLINE                           HYDROXYPROLINE 'C5 H9 N O3'       131.130 
NGA 'D-saccharide, beta linking' . 2-acetamido-2-deoxy-beta-D-galactopyranose 
;N-acetyl-beta-D-galactosamine; 2-acetamido-2-deoxy-beta-D-galactose; 2-acetamido-2-deoxy-D-galactose; 2-acetamido-2-deoxy-galactose; N-ACETYL-D-GALACTOSAMINE
;
'C8 H15 N O6'      221.208 
THR 'L-peptide linking'          y THREONINE                                  ? 'C4 H9 N O3'       119.119 
# 
loop_
_pdbx_chem_comp_identifier.comp_id 
_pdbx_chem_comp_identifier.type 
_pdbx_chem_comp_identifier.program 
_pdbx_chem_comp_identifier.program_version 
_pdbx_chem_comp_identifier.identifier 
GAL 'CONDENSED IUPAC CARBOHYDRATE SYMBOL' GMML     1.0 DGalpb                           
GAL 'COMMON NAME'                         GMML     1.0 b-D-galactopyranose              
GAL 'IUPAC CARBOHYDRATE SYMBOL'           PDB-CARE 1.0 b-D-Galp                         
GAL 'SNFG CARBOHYDRATE SYMBOL'            GMML     1.0 Gal                              
NGA 'CONDENSED IUPAC CARBOHYDRATE SYMBOL' GMML     1.0 DGalpNAcb                        
NGA 'COMMON NAME'                         GMML     1.0 N-acetyl-b-D-galactopyranosamine 
NGA 'IUPAC CARBOHYDRATE SYMBOL'           PDB-CARE 1.0 b-D-GalpNAc                      
NGA 'SNFG CARBOHYDRATE SYMBOL'            GMML     1.0 GalNAc                           
# 
loop_
_pdbx_poly_seq_scheme.asym_id 
_pdbx_poly_seq_scheme.entity_id 
_pdbx_poly_seq_scheme.seq_id 
_pdbx_poly_seq_scheme.mon_id 
_pdbx_poly_seq_scheme.ndb_seq_num 
_pdbx_poly_seq_scheme.pdb_seq_num 
_pdbx_poly_seq_scheme.auth_seq_num 
_pdbx_poly_seq_scheme.pdb_mon_id 
_pdbx_poly_seq_scheme.auth_mon_id 
_pdbx_poly_seq_scheme.pdb_strand_id 
_pdbx_poly_seq_scheme.pdb_ins_code 
_pdbx_poly_seq_scheme.hetero 
A 1 1  CGU 1  1  1  CGU CGU A . n 
A 1 2  CYS 2  2  2  CYS CYS A . n 
A 1 3  CYS 3  3  3  CYS CYS A . n 
A 1 4  CGU 4  4  4  CGU CGU A . n 
A 1 5  ASP 5  5  5  ASP ASP A . n 
A 1 6  GLY 6  6  6  GLY GLY A . n 
A 1 7  BTR 7  7  7  BTR BTR A . n 
A 1 8  CYS 8  8  8  CYS CYS A . n 
A 1 9  CYS 9  9  9  CYS CYS A . n 
A 1 10 THR 10 10 10 THR GTH A . n 
A 1 11 ALA 11 11 11 ALA ALA A . n 
A 1 12 ALA 12 12 12 ALA ALA A . n 
A 1 13 HYP 13 13 13 HYP HYP A . n 
# 
loop_
_pdbx_branch_scheme.asym_id 
_pdbx_branch_scheme.entity_id 
_pdbx_branch_scheme.mon_id 
_pdbx_branch_scheme.num 
_pdbx_branch_scheme.pdb_asym_id 
_pdbx_branch_scheme.pdb_mon_id 
_pdbx_branch_scheme.pdb_seq_num 
_pdbx_branch_scheme.auth_asym_id 
_pdbx_branch_scheme.auth_mon_id 
_pdbx_branch_scheme.auth_seq_num 
_pdbx_branch_scheme.hetero 
B 2 NGA 1 B NGA 1 ? GTH 10 n 
B 2 GAL 2 B GAL 2 ? GTH 10 n 
# 
_cell.entry_id           1WCT 
_cell.length_a           1.000 
_cell.length_b           1.000 
_cell.length_c           1.000 
_cell.angle_alpha        90.00 
_cell.angle_beta         90.00 
_cell.angle_gamma        90.00 
_cell.Z_PDB              1 
_cell.pdbx_unique_axis   ? 
# 
_symmetry.entry_id                         1WCT 
_symmetry.space_group_name_H-M             'P 1' 
_symmetry.pdbx_full_space_group_name_H-M   ? 
_symmetry.cell_setting                     ? 
_symmetry.Int_Tables_number                1 
# 
_exptl.entry_id          1WCT 
_exptl.method            'SOLUTION NMR' 
_exptl.crystals_number   ? 
# 
_struct.entry_id                  1WCT 
_struct.title                     
;A NOVEL CONOTOXIN FROM CONUS TEXTILE WITH UNUSUAL POST-TRANSLATIONAL MODIFICATIONS REDUCES PRESYNAPTIC CALCIUM INFLUX, NMR, 1 STRUCTURE, GLYCOSYLATED PROTEIN
;
_struct.pdbx_model_details        ? 
_struct.pdbx_CASP_flag            ? 
_struct.pdbx_model_type_details   ? 
# 
_struct_keywords.entry_id        1WCT 
_struct_keywords.pdbx_keywords   'GAMMA-CARBOXY GLUTAMIC ACID' 
_struct_keywords.text            'GAMMA-CARBOXY GLUTAMIC ACID, NOVEL OMEGA CONOTOXIN, CALCIUM CHANNEL BLOCKER' 
# 
loop_
_struct_asym.id 
_struct_asym.pdbx_blank_PDB_chainid_flag 
_struct_asym.pdbx_modified 
_struct_asym.entity_id 
_struct_asym.details 
A Y N 1 ? 
B N N 2 ? 
# 
_struct_ref.id                         1 
_struct_ref.db_name                    UNP 
_struct_ref.db_code                    CXET_CONTE 
_struct_ref.pdbx_db_accession          P81755 
_struct_ref.entity_id                  1 
_struct_ref.pdbx_align_begin           51 
_struct_ref.pdbx_db_isoform            ? 
_struct_ref.pdbx_seq_one_letter_code   ? 
# 
_struct_ref_seq.align_id                      1 
_struct_ref_seq.ref_id                        1 
_struct_ref_seq.pdbx_PDB_id_code              1WCT 
_struct_ref_seq.pdbx_strand_id                A 
_struct_ref_seq.seq_align_beg                 1 
_struct_ref_seq.pdbx_seq_align_beg_ins_code   ? 
_struct_ref_seq.seq_align_end                 13 
_struct_ref_seq.pdbx_seq_align_end_ins_code   ? 
_struct_ref_seq.pdbx_db_accession             P81755 
_struct_ref_seq.db_align_beg                  51 
_struct_ref_seq.pdbx_db_align_beg_ins_code    ? 
_struct_ref_seq.db_align_end                  63 
_struct_ref_seq.pdbx_db_align_end_ins_code    ? 
_struct_ref_seq.pdbx_auth_seq_align_beg       1 
_struct_ref_seq.pdbx_auth_seq_align_end       13 
# 
_pdbx_struct_assembly.id                   1 
_pdbx_struct_assembly.details              author_defined_assembly 
_pdbx_struct_assembly.method_details       ? 
_pdbx_struct_assembly.oligomeric_details   monomeric 
_pdbx_struct_assembly.oligomeric_count     1 
# 
_pdbx_struct_assembly_gen.assembly_id       1 
_pdbx_struct_assembly_gen.oper_expression   1 
_pdbx_struct_assembly_gen.asym_id_list      A,B 
# 
_pdbx_struct_oper_list.id                   1 
_pdbx_struct_oper_list.type                 'identity operation' 
_pdbx_struct_oper_list.name                 1_555 
_pdbx_struct_oper_list.symmetry_operation   ? 
_pdbx_struct_oper_list.matrix[1][1]         1.0000000000 
_pdbx_struct_oper_list.matrix[1][2]         0.0000000000 
_pdbx_struct_oper_list.matrix[1][3]         0.0000000000 
_pdbx_struct_oper_list.vector[1]            0.0000000000 
_pdbx_struct_oper_list.matrix[2][1]         0.0000000000 
_pdbx_struct_oper_list.matrix[2][2]         1.0000000000 
_pdbx_struct_oper_list.matrix[2][3]         0.0000000000 
_pdbx_struct_oper_list.vector[2]            0.0000000000 
_pdbx_struct_oper_list.matrix[3][1]         0.0000000000 
_pdbx_struct_oper_list.matrix[3][2]         0.0000000000 
_pdbx_struct_oper_list.matrix[3][3]         1.0000000000 
_pdbx_struct_oper_list.vector[3]            0.0000000000 
# 
loop_
_struct_conn.id 
_struct_conn.conn_type_id 
_struct_conn.pdbx_leaving_atom_flag 
_struct_conn.pdbx_PDB_id 
_struct_conn.ptnr1_label_asym_id 
_struct_conn.ptnr1_label_comp_id 
_struct_conn.ptnr1_label_seq_id 
_struct_conn.ptnr1_label_atom_id 
_struct_conn.pdbx_ptnr1_label_alt_id 
_struct_conn.pdbx_ptnr1_PDB_ins_code 
_struct_conn.pdbx_ptnr1_standard_comp_id 
_struct_conn.ptnr1_symmetry 
_struct_conn.ptnr2_label_asym_id 
_struct_conn.ptnr2_label_comp_id 
_struct_conn.ptnr2_label_seq_id 
_struct_conn.ptnr2_label_atom_id 
_struct_conn.pdbx_ptnr2_label_alt_id 
_struct_conn.pdbx_ptnr2_PDB_ins_code 
_struct_conn.ptnr1_auth_asym_id 
_struct_conn.ptnr1_auth_comp_id 
_struct_conn.ptnr1_auth_seq_id 
_struct_conn.ptnr2_auth_asym_id 
_struct_conn.ptnr2_auth_comp_id 
_struct_conn.ptnr2_auth_seq_id 
_struct_conn.ptnr2_symmetry 
_struct_conn.pdbx_ptnr3_label_atom_id 
_struct_conn.pdbx_ptnr3_label_seq_id 
_struct_conn.pdbx_ptnr3_label_comp_id 
_struct_conn.pdbx_ptnr3_label_asym_id 
_struct_conn.pdbx_ptnr3_label_alt_id 
_struct_conn.pdbx_ptnr3_PDB_ins_code 
_struct_conn.details 
_struct_conn.pdbx_dist_value 
_struct_conn.pdbx_value_order 
_struct_conn.pdbx_role 
disulf1 disulf ?    ? A CYS 2  SG  ? ? ? 1_555 A CYS 8  SG ? ? A CYS 2  A CYS 8  1_555 ? ? ? ? ? ? ? 2.041 ?    ?               
disulf2 disulf ?    ? A CYS 3  SG  ? ? ? 1_555 A CYS 9  SG ? ? A CYS 3  A CYS 9  1_555 ? ? ? ? ? ? ? 2.036 ?    ?               
covale1 covale both ? A CGU 1  C   ? ? ? 1_555 A CYS 2  N  ? ? A CGU 1  A CYS 2  1_555 ? ? ? ? ? ? ? 1.349 ?    ?               
covale2 covale both ? A CYS 3  C   ? ? ? 1_555 A CGU 4  N  ? ? A CYS 3  A CGU 4  1_555 ? ? ? ? ? ? ? 1.349 ?    ?               
covale3 covale both ? A CGU 4  C   ? ? ? 1_555 A ASP 5  N  ? ? A CGU 4  A ASP 5  1_555 ? ? ? ? ? ? ? 1.350 ?    ?               
covale4 covale both ? A GLY 6  C   ? ? ? 1_555 A BTR 7  N  ? ? A GLY 6  A BTR 7  1_555 ? ? ? ? ? ? ? 1.349 ?    ?               
covale5 covale both ? A BTR 7  C   ? ? ? 1_555 A CYS 8  N  ? ? A BTR 7  A CYS 8  1_555 ? ? ? ? ? ? ? 1.350 ?    ?               
covale6 covale one  ? A THR 10 OG1 ? ? ? 1_555 B NGA .  C1 ? ? A THR 10 B NGA 1  1_555 ? ? ? ? ? ? ? 1.465 sing O-Glycosylation 
covale7 covale both ? A ALA 12 C   ? ? ? 1_555 A HYP 13 N  ? ? A ALA 12 A HYP 13 1_555 ? ? ? ? ? ? ? 1.370 ?    ?               
covale8 covale both ? B NGA .  O3  ? ? ? 1_555 B GAL .  C1 ? ? B NGA 1  B GAL 2  1_555 ? ? ? ? ? ? ? 1.440 sing ?               
# 
loop_
_struct_conn_type.id 
_struct_conn_type.criteria 
_struct_conn_type.reference 
disulf ? ? 
covale ? ? 
# 
loop_
_pdbx_modification_feature.ordinal 
_pdbx_modification_feature.label_comp_id 
_pdbx_modification_feature.label_asym_id 
_pdbx_modification_feature.label_seq_id 
_pdbx_modification_feature.label_alt_id 
_pdbx_modification_feature.modified_residue_label_comp_id 
_pdbx_modification_feature.modified_residue_label_asym_id 
_pdbx_modification_feature.modified_residue_label_seq_id 
_pdbx_modification_feature.modified_residue_label_alt_id 
_pdbx_modification_feature.auth_comp_id 
_pdbx_modification_feature.auth_asym_id 
_pdbx_modification_feature.auth_seq_id 
_pdbx_modification_feature.PDB_ins_code 
_pdbx_modification_feature.symmetry 
_pdbx_modification_feature.modified_residue_auth_comp_id 
_pdbx_modification_feature.modified_residue_auth_asym_id 
_pdbx_modification_feature.modified_residue_auth_seq_id 
_pdbx_modification_feature.modified_residue_PDB_ins_code 
_pdbx_modification_feature.modified_residue_symmetry 
_pdbx_modification_feature.comp_id_linking_atom 
_pdbx_modification_feature.modified_residue_id_linking_atom 
_pdbx_modification_feature.modified_residue_id 
_pdbx_modification_feature.ref_pcm_id 
_pdbx_modification_feature.ref_comp_id 
_pdbx_modification_feature.type 
_pdbx_modification_feature.category 
1 CGU A 1  ? .   . .  . CGU A 1  ? 1_555 .   . .  . .     .  .   GLU 1 CGU Carboxylation   'Named protein modification' 
2 CGU A 4  ? .   . .  . CGU A 4  ? 1_555 .   . .  . .     .  .   GLU 1 CGU Carboxylation   'Named protein modification' 
3 BTR A 7  ? .   . .  . BTR A 7  ? 1_555 .   . .  . .     .  .   TRP 1 BTR Bromination     'Named protein modification' 
4 HYP A 13 ? .   . .  . HYP A 13 ? 1_555 .   . .  . .     .  .   PRO 1 HYP Hydroxylation   'Named protein modification' 
5 NGA B .  ? THR A 10 ? NGA B 1  ? 1_555 THR A 10 ? 1_555 C1 OG1 THR 2 NGA O-Glycosylation Carbohydrate                 
6 CYS A 2  ? CYS A 8  ? CYS A 2  ? 1_555 CYS A 8  ? 1_555 SG SG  .   . .   None            'Disulfide bridge'           
7 CYS A 3  ? CYS A 9  ? CYS A 3  ? 1_555 CYS A 9  ? 1_555 SG SG  .   . .   None            'Disulfide bridge'           
# 
_pdbx_entry_details.entry_id                   1WCT 
_pdbx_entry_details.compound_details           ? 
_pdbx_entry_details.source_details             ? 
_pdbx_entry_details.nonpolymer_details         ? 
_pdbx_entry_details.sequence_details           ? 
_pdbx_entry_details.has_ligand_of_interest     ? 
_pdbx_entry_details.has_protein_modification   Y 
# 
loop_
_pdbx_validate_torsion.id 
_pdbx_validate_torsion.PDB_model_num 
_pdbx_validate_torsion.auth_comp_id 
_pdbx_validate_torsion.auth_asym_id 
_pdbx_validate_torsion.auth_seq_id 
_pdbx_validate_torsion.PDB_ins_code 
_pdbx_validate_torsion.label_alt_id 
_pdbx_validate_torsion.phi 
_pdbx_validate_torsion.psi 
1 1 CYS A 2  ? ? 78.44   -84.14 
2 1 CYS A 8  ? ? -139.32 -42.56 
3 1 THR A 10 ? ? 166.56  168.16 
4 1 ALA A 11 ? ? -44.45  -81.28 
5 1 ALA A 12 ? ? 36.18   76.17  
# 
loop_
_pdbx_struct_mod_residue.id 
_pdbx_struct_mod_residue.label_asym_id 
_pdbx_struct_mod_residue.label_comp_id 
_pdbx_struct_mod_residue.label_seq_id 
_pdbx_struct_mod_residue.auth_asym_id 
_pdbx_struct_mod_residue.auth_comp_id 
_pdbx_struct_mod_residue.auth_seq_id 
_pdbx_struct_mod_residue.PDB_ins_code 
_pdbx_struct_mod_residue.parent_comp_id 
_pdbx_struct_mod_residue.details 
1 A CGU 1  A CGU 1  ? GLU 'GAMMA-CARBOXY-GLUTAMIC ACID' 
2 A CGU 4  A CGU 4  ? GLU 'GAMMA-CARBOXY-GLUTAMIC ACID' 
3 A BTR 7  A BTR 7  ? TRP 6-BROMO-TRYPTOPHAN            
4 A HYP 13 A HYP 13 ? PRO 4-HYDROXYPROLINE              
# 
_pdbx_nmr_ensemble.entry_id                             1WCT 
_pdbx_nmr_ensemble.conformers_calculated_total_number   40 
_pdbx_nmr_ensemble.conformers_submitted_total_number    1 
_pdbx_nmr_ensemble.conformer_selection_criteria         'LOWEST ENERGY' 
# 
_pdbx_nmr_sample_details.solution_id   1 
_pdbx_nmr_sample_details.contents      D4-ACETATE 
# 
_pdbx_nmr_exptl_sample_conditions.conditions_id       1 
_pdbx_nmr_exptl_sample_conditions.temperature         288 
_pdbx_nmr_exptl_sample_conditions.pressure            ? 
_pdbx_nmr_exptl_sample_conditions.pH                  5.63 
_pdbx_nmr_exptl_sample_conditions.ionic_strength      0.025 
_pdbx_nmr_exptl_sample_conditions.pressure_units      ? 
_pdbx_nmr_exptl_sample_conditions.temperature_units   K 
# 
loop_
_pdbx_nmr_exptl.experiment_id 
_pdbx_nmr_exptl.conditions_id 
_pdbx_nmr_exptl.type 
_pdbx_nmr_exptl.solution_id 
1 1 TOCSY   1 
2 1 NOESY   1 
3 1 DQFCOSY 1 
# 
_pdbx_nmr_details.entry_id   1WCT 
_pdbx_nmr_details.text       'LOWEST ENERGY.' 
# 
_pdbx_nmr_refine.entry_id           1WCT 
_pdbx_nmr_refine.method             DGII 
_pdbx_nmr_refine.details            ? 
_pdbx_nmr_refine.software_ordinal   1 
# 
loop_
_pdbx_nmr_software.classification 
_pdbx_nmr_software.name 
_pdbx_nmr_software.version 
_pdbx_nmr_software.authors 
_pdbx_nmr_software.ordinal 
refinement           DGII         ? HAVEL 1 
'structure solution' 'Insight II' ? ?     2 
# 
loop_
_chem_comp_atom.comp_id 
_chem_comp_atom.atom_id 
_chem_comp_atom.type_symbol 
_chem_comp_atom.pdbx_aromatic_flag 
_chem_comp_atom.pdbx_stereo_config 
_chem_comp_atom.pdbx_ordinal 
ALA N    N  N N 1   
ALA CA   C  N S 2   
ALA C    C  N N 3   
ALA O    O  N N 4   
ALA CB   C  N N 5   
ALA OXT  O  N N 6   
ALA H    H  N N 7   
ALA H2   H  N N 8   
ALA HA   H  N N 9   
ALA HB1  H  N N 10  
ALA HB2  H  N N 11  
ALA HB3  H  N N 12  
ALA HXT  H  N N 13  
ASP N    N  N N 14  
ASP CA   C  N S 15  
ASP C    C  N N 16  
ASP O    O  N N 17  
ASP CB   C  N N 18  
ASP CG   C  N N 19  
ASP OD1  O  N N 20  
ASP OD2  O  N N 21  
ASP OXT  O  N N 22  
ASP H    H  N N 23  
ASP H2   H  N N 24  
ASP HA   H  N N 25  
ASP HB2  H  N N 26  
ASP HB3  H  N N 27  
ASP HD2  H  N N 28  
ASP HXT  H  N N 29  
BTR N    N  N N 30  
BTR CA   C  N S 31  
BTR C    C  N N 32  
BTR O    O  N N 33  
BTR OXT  O  N N 34  
BTR CB   C  N N 35  
BTR CG   C  Y N 36  
BTR CD1  C  Y N 37  
BTR NE1  N  Y N 38  
BTR CE2  C  Y N 39  
BTR CD2  C  Y N 40  
BTR CE3  C  Y N 41  
BTR CZ3  C  Y N 42  
BTR CH2  C  Y N 43  
BTR BR2  BR N N 44  
BTR CZ2  C  Y N 45  
BTR H    H  N N 46  
BTR H2   H  N N 47  
BTR HA   H  N N 48  
BTR HXT  H  N N 49  
BTR HB2  H  N N 50  
BTR HB3  H  N N 51  
BTR HD1  H  N N 52  
BTR HE1  H  N N 53  
BTR HE3  H  N N 54  
BTR HZ3  H  N N 55  
BTR HZ2  H  N N 56  
CGU N    N  N N 57  
CGU CA   C  N S 58  
CGU C    C  N N 59  
CGU O    O  N N 60  
CGU OXT  O  N N 61  
CGU CB   C  N N 62  
CGU CG   C  N N 63  
CGU CD1  C  N N 64  
CGU CD2  C  N N 65  
CGU OE11 O  N N 66  
CGU OE12 O  N N 67  
CGU OE21 O  N N 68  
CGU OE22 O  N N 69  
CGU H    H  N N 70  
CGU H2   H  N N 71  
CGU HA   H  N N 72  
CGU HXT  H  N N 73  
CGU HB2  H  N N 74  
CGU HB3  H  N N 75  
CGU HG   H  N N 76  
CGU HE12 H  N N 77  
CGU HE22 H  N N 78  
CYS N    N  N N 79  
CYS CA   C  N R 80  
CYS C    C  N N 81  
CYS O    O  N N 82  
CYS CB   C  N N 83  
CYS SG   S  N N 84  
CYS OXT  O  N N 85  
CYS H    H  N N 86  
CYS H2   H  N N 87  
CYS HA   H  N N 88  
CYS HB2  H  N N 89  
CYS HB3  H  N N 90  
CYS HG   H  N N 91  
CYS HXT  H  N N 92  
GAL C1   C  N R 93  
GAL C2   C  N R 94  
GAL C3   C  N S 95  
GAL C4   C  N R 96  
GAL C5   C  N R 97  
GAL C6   C  N N 98  
GAL O1   O  N N 99  
GAL O2   O  N N 100 
GAL O3   O  N N 101 
GAL O4   O  N N 102 
GAL O5   O  N N 103 
GAL O6   O  N N 104 
GAL H1   H  N N 105 
GAL H2   H  N N 106 
GAL H3   H  N N 107 
GAL H4   H  N N 108 
GAL H5   H  N N 109 
GAL H61  H  N N 110 
GAL H62  H  N N 111 
GAL HO1  H  N N 112 
GAL HO2  H  N N 113 
GAL HO3  H  N N 114 
GAL HO4  H  N N 115 
GAL HO6  H  N N 116 
GLY N    N  N N 117 
GLY CA   C  N N 118 
GLY C    C  N N 119 
GLY O    O  N N 120 
GLY OXT  O  N N 121 
GLY H    H  N N 122 
GLY H2   H  N N 123 
GLY HA2  H  N N 124 
GLY HA3  H  N N 125 
GLY HXT  H  N N 126 
HYP N    N  N N 127 
HYP CA   C  N S 128 
HYP C    C  N N 129 
HYP O    O  N N 130 
HYP CB   C  N N 131 
HYP CG   C  N R 132 
HYP CD   C  N N 133 
HYP OD1  O  N N 134 
HYP OXT  O  N N 135 
HYP H    H  N N 136 
HYP HA   H  N N 137 
HYP HB2  H  N N 138 
HYP HB3  H  N N 139 
HYP HG   H  N N 140 
HYP HD22 H  N N 141 
HYP HD23 H  N N 142 
HYP HD1  H  N N 143 
HYP HXT  H  N N 144 
NGA C1   C  N R 145 
NGA C2   C  N R 146 
NGA C3   C  N R 147 
NGA C4   C  N R 148 
NGA C5   C  N R 149 
NGA C6   C  N N 150 
NGA C7   C  N N 151 
NGA C8   C  N N 152 
NGA N2   N  N N 153 
NGA O1   O  N N 154 
NGA O3   O  N N 155 
NGA O4   O  N N 156 
NGA O5   O  N N 157 
NGA O6   O  N N 158 
NGA O7   O  N N 159 
NGA H1   H  N N 160 
NGA H2   H  N N 161 
NGA H3   H  N N 162 
NGA H4   H  N N 163 
NGA H5   H  N N 164 
NGA H61  H  N N 165 
NGA H62  H  N N 166 
NGA H81  H  N N 167 
NGA H82  H  N N 168 
NGA H83  H  N N 169 
NGA HN2  H  N N 170 
NGA HO1  H  N N 171 
NGA HO3  H  N N 172 
NGA HO4  H  N N 173 
NGA HO6  H  N N 174 
THR N    N  N N 175 
THR CA   C  N S 176 
THR C    C  N N 177 
THR O    O  N N 178 
THR CB   C  N R 179 
THR OG1  O  N N 180 
THR CG2  C  N N 181 
THR OXT  O  N N 182 
THR H    H  N N 183 
THR H2   H  N N 184 
THR HA   H  N N 185 
THR HB   H  N N 186 
THR HG1  H  N N 187 
THR HG21 H  N N 188 
THR HG22 H  N N 189 
THR HG23 H  N N 190 
THR HXT  H  N N 191 
# 
loop_
_chem_comp_bond.comp_id 
_chem_comp_bond.atom_id_1 
_chem_comp_bond.atom_id_2 
_chem_comp_bond.value_order 
_chem_comp_bond.pdbx_aromatic_flag 
_chem_comp_bond.pdbx_stereo_config 
_chem_comp_bond.pdbx_ordinal 
ALA N    CA   sing N N 1   
ALA N    H    sing N N 2   
ALA N    H2   sing N N 3   
ALA CA   C    sing N N 4   
ALA CA   CB   sing N N 5   
ALA CA   HA   sing N N 6   
ALA C    O    doub N N 7   
ALA C    OXT  sing N N 8   
ALA CB   HB1  sing N N 9   
ALA CB   HB2  sing N N 10  
ALA CB   HB3  sing N N 11  
ALA OXT  HXT  sing N N 12  
ASP N    CA   sing N N 13  
ASP N    H    sing N N 14  
ASP N    H2   sing N N 15  
ASP CA   C    sing N N 16  
ASP CA   CB   sing N N 17  
ASP CA   HA   sing N N 18  
ASP C    O    doub N N 19  
ASP C    OXT  sing N N 20  
ASP CB   CG   sing N N 21  
ASP CB   HB2  sing N N 22  
ASP CB   HB3  sing N N 23  
ASP CG   OD1  doub N N 24  
ASP CG   OD2  sing N N 25  
ASP OD2  HD2  sing N N 26  
ASP OXT  HXT  sing N N 27  
BTR N    CA   sing N N 28  
BTR N    H    sing N N 29  
BTR N    H2   sing N N 30  
BTR CA   C    sing N N 31  
BTR CA   CB   sing N N 32  
BTR CA   HA   sing N N 33  
BTR C    O    doub N N 34  
BTR C    OXT  sing N N 35  
BTR OXT  HXT  sing N N 36  
BTR CB   CG   sing N N 37  
BTR CB   HB2  sing N N 38  
BTR CB   HB3  sing N N 39  
BTR CG   CD1  doub Y N 40  
BTR CG   CD2  sing Y N 41  
BTR CD1  NE1  sing Y N 42  
BTR CD1  HD1  sing N N 43  
BTR NE1  CE2  sing Y N 44  
BTR NE1  HE1  sing N N 45  
BTR CE2  CD2  doub Y N 46  
BTR CE2  CZ2  sing Y N 47  
BTR CD2  CE3  sing Y N 48  
BTR CE3  CZ3  doub Y N 49  
BTR CE3  HE3  sing N N 50  
BTR CZ3  CH2  sing Y N 51  
BTR CZ3  HZ3  sing N N 52  
BTR CH2  BR2  sing N N 53  
BTR CH2  CZ2  doub Y N 54  
BTR CZ2  HZ2  sing N N 55  
CGU N    CA   sing N N 56  
CGU N    H    sing N N 57  
CGU N    H2   sing N N 58  
CGU CA   C    sing N N 59  
CGU CA   CB   sing N N 60  
CGU CA   HA   sing N N 61  
CGU C    O    doub N N 62  
CGU C    OXT  sing N N 63  
CGU OXT  HXT  sing N N 64  
CGU CB   CG   sing N N 65  
CGU CB   HB2  sing N N 66  
CGU CB   HB3  sing N N 67  
CGU CG   CD1  sing N N 68  
CGU CG   CD2  sing N N 69  
CGU CG   HG   sing N N 70  
CGU CD1  OE11 doub N N 71  
CGU CD1  OE12 sing N N 72  
CGU CD2  OE21 doub N N 73  
CGU CD2  OE22 sing N N 74  
CGU OE12 HE12 sing N N 75  
CGU OE22 HE22 sing N N 76  
CYS N    CA   sing N N 77  
CYS N    H    sing N N 78  
CYS N    H2   sing N N 79  
CYS CA   C    sing N N 80  
CYS CA   CB   sing N N 81  
CYS CA   HA   sing N N 82  
CYS C    O    doub N N 83  
CYS C    OXT  sing N N 84  
CYS CB   SG   sing N N 85  
CYS CB   HB2  sing N N 86  
CYS CB   HB3  sing N N 87  
CYS SG   HG   sing N N 88  
CYS OXT  HXT  sing N N 89  
GAL C1   C2   sing N N 90  
GAL C1   O1   sing N N 91  
GAL C1   O5   sing N N 92  
GAL C1   H1   sing N N 93  
GAL C2   C3   sing N N 94  
GAL C2   O2   sing N N 95  
GAL C2   H2   sing N N 96  
GAL C3   C4   sing N N 97  
GAL C3   O3   sing N N 98  
GAL C3   H3   sing N N 99  
GAL C4   C5   sing N N 100 
GAL C4   O4   sing N N 101 
GAL C4   H4   sing N N 102 
GAL C5   C6   sing N N 103 
GAL C5   O5   sing N N 104 
GAL C5   H5   sing N N 105 
GAL C6   O6   sing N N 106 
GAL C6   H61  sing N N 107 
GAL C6   H62  sing N N 108 
GAL O1   HO1  sing N N 109 
GAL O2   HO2  sing N N 110 
GAL O3   HO3  sing N N 111 
GAL O4   HO4  sing N N 112 
GAL O6   HO6  sing N N 113 
GLY N    CA   sing N N 114 
GLY N    H    sing N N 115 
GLY N    H2   sing N N 116 
GLY CA   C    sing N N 117 
GLY CA   HA2  sing N N 118 
GLY CA   HA3  sing N N 119 
GLY C    O    doub N N 120 
GLY C    OXT  sing N N 121 
GLY OXT  HXT  sing N N 122 
HYP N    CA   sing N N 123 
HYP N    CD   sing N N 124 
HYP N    H    sing N N 125 
HYP CA   C    sing N N 126 
HYP CA   CB   sing N N 127 
HYP CA   HA   sing N N 128 
HYP C    O    doub N N 129 
HYP C    OXT  sing N N 130 
HYP CB   CG   sing N N 131 
HYP CB   HB2  sing N N 132 
HYP CB   HB3  sing N N 133 
HYP CG   CD   sing N N 134 
HYP CG   OD1  sing N N 135 
HYP CG   HG   sing N N 136 
HYP CD   HD22 sing N N 137 
HYP CD   HD23 sing N N 138 
HYP OD1  HD1  sing N N 139 
HYP OXT  HXT  sing N N 140 
NGA C1   C2   sing N N 141 
NGA C1   O1   sing N N 142 
NGA C1   O5   sing N N 143 
NGA C1   H1   sing N N 144 
NGA C2   C3   sing N N 145 
NGA C2   N2   sing N N 146 
NGA C2   H2   sing N N 147 
NGA C3   C4   sing N N 148 
NGA C3   O3   sing N N 149 
NGA C3   H3   sing N N 150 
NGA C4   C5   sing N N 151 
NGA C4   O4   sing N N 152 
NGA C4   H4   sing N N 153 
NGA C5   C6   sing N N 154 
NGA C5   O5   sing N N 155 
NGA C5   H5   sing N N 156 
NGA C6   O6   sing N N 157 
NGA C6   H61  sing N N 158 
NGA C6   H62  sing N N 159 
NGA C7   C8   sing N N 160 
NGA C7   N2   sing N N 161 
NGA C7   O7   doub N N 162 
NGA C8   H81  sing N N 163 
NGA C8   H82  sing N N 164 
NGA C8   H83  sing N N 165 
NGA N2   HN2  sing N N 166 
NGA O1   HO1  sing N N 167 
NGA O3   HO3  sing N N 168 
NGA O4   HO4  sing N N 169 
NGA O6   HO6  sing N N 170 
THR N    CA   sing N N 171 
THR N    H    sing N N 172 
THR N    H2   sing N N 173 
THR CA   C    sing N N 174 
THR CA   CB   sing N N 175 
THR CA   HA   sing N N 176 
THR C    O    doub N N 177 
THR C    OXT  sing N N 178 
THR CB   OG1  sing N N 179 
THR CB   CG2  sing N N 180 
THR CB   HB   sing N N 181 
THR OG1  HG1  sing N N 182 
THR CG2  HG21 sing N N 183 
THR CG2  HG22 sing N N 184 
THR CG2  HG23 sing N N 185 
THR OXT  HXT  sing N N 186 
# 
loop_
_pdbx_entity_branch_list.entity_id 
_pdbx_entity_branch_list.comp_id 
_pdbx_entity_branch_list.num 
_pdbx_entity_branch_list.hetero 
2 NGA 1 n 
2 GAL 2 n 
# 
_pdbx_nmr_spectrometer.spectrometer_id   1 
_pdbx_nmr_spectrometer.model             AMX 
_pdbx_nmr_spectrometer.manufacturer      Bruker 
_pdbx_nmr_spectrometer.field_strength    500 
# 
_atom_sites.entry_id                    1WCT 
_atom_sites.fract_transf_matrix[1][1]   1.000000 
_atom_sites.fract_transf_matrix[1][2]   0.000000 
_atom_sites.fract_transf_matrix[1][3]   0.000000 
_atom_sites.fract_transf_matrix[2][1]   0.000000 
_atom_sites.fract_transf_matrix[2][2]   1.000000 
_atom_sites.fract_transf_matrix[2][3]   0.000000 
_atom_sites.fract_transf_matrix[3][1]   0.000000 
_atom_sites.fract_transf_matrix[3][2]   0.000000 
_atom_sites.fract_transf_matrix[3][3]   1.000000 
_atom_sites.fract_transf_vector[1]      0.00000 
_atom_sites.fract_transf_vector[2]      0.00000 
_atom_sites.fract_transf_vector[3]      0.00000 
# 
loop_
_atom_type.symbol 
BR 
C  
H  
N  
O  
S  
# 
loop_
_atom_site.group_PDB 
_atom_site.id 
_atom_site.type_symbol 
_atom_site.label_atom_id 
_atom_site.label_alt_id 
_atom_site.label_comp_id 
_atom_site.label_asym_id 
_atom_site.label_entity_id 
_atom_site.label_seq_id 
_atom_site.pdbx_PDB_ins_code 
_atom_site.Cartn_x 
_atom_site.Cartn_y 
_atom_site.Cartn_z 
_atom_site.occupancy 
_atom_site.B_iso_or_equiv 
_atom_site.pdbx_formal_charge 
_atom_site.auth_seq_id 
_atom_site.auth_comp_id 
_atom_site.auth_asym_id 
_atom_site.auth_atom_id 
_atom_site.pdbx_PDB_model_num 
HETATM 1   N  N    . CGU A 1 1  ? -0.345 4.601   7.935   1.00 0.00 ? 1  CGU A N    1 
HETATM 2   C  CA   . CGU A 1 1  ? -1.417 3.595   7.705   1.00 0.00 ? 1  CGU A CA   1 
HETATM 3   C  C    . CGU A 1 1  ? -1.381 2.961   6.271   1.00 0.00 ? 1  CGU A C    1 
HETATM 4   O  O    . CGU A 1 1  ? -1.060 3.635   5.285   1.00 0.00 ? 1  CGU A O    1 
HETATM 5   C  CB   . CGU A 1 1  ? -2.774 4.255   8.090   1.00 0.00 ? 1  CGU A CB   1 
HETATM 6   C  CG   . CGU A 1 1  ? -2.988 4.646   9.591   1.00 0.00 ? 1  CGU A CG   1 
HETATM 7   C  CD1  . CGU A 1 1  ? -4.320 4.158   10.190  1.00 0.00 ? 1  CGU A CD1  1 
HETATM 8   C  CD2  . CGU A 1 1  ? -2.843 6.156   9.884   1.00 0.00 ? 1  CGU A CD2  1 
HETATM 9   O  OE11 . CGU A 1 1  ? -4.809 3.095   9.747   1.00 0.00 ? 1  CGU A OE11 1 
HETATM 10  O  OE12 . CGU A 1 1  ? -4.881 4.819   11.092  1.00 0.00 ? 1  CGU A OE12 1 
HETATM 11  O  OE21 . CGU A 1 1  ? -3.126 6.990   8.994   1.00 0.00 ? 1  CGU A OE21 1 
HETATM 12  O  OE22 . CGU A 1 1  ? -2.438 6.508   11.016  1.00 0.00 ? 1  CGU A OE22 1 
HETATM 13  H  H1   . CGU A 1 1  ? 0.559  4.284   8.301   1.00 0.00 ? 1  CGU A H1   1 
HETATM 14  H  H2   . CGU A 1 1  ? -0.544 5.588   7.746   1.00 0.00 ? 1  CGU A H2   1 
HETATM 15  H  HA   . CGU A 1 1  ? -1.222 2.789   8.439   1.00 0.00 ? 1  CGU A HA   1 
HETATM 16  H  HB2  . CGU A 1 1  ? -3.610 3.589   7.798   1.00 0.00 ? 1  CGU A HB2  1 
HETATM 17  H  HB3  . CGU A 1 1  ? -2.919 5.160   7.466   1.00 0.00 ? 1  CGU A HB3  1 
HETATM 18  H  HG   . CGU A 1 1  ? -2.224 4.114   10.186  1.00 0.00 ? 1  CGU A HG   1 
ATOM   19  N  N    . CYS A 1 2  ? -1.699 1.654   6.164   1.00 0.00 ? 2  CYS A N    1 
ATOM   20  C  CA   . CYS A 1 2  ? -1.813 0.917   4.869   1.00 0.00 ? 2  CYS A CA   1 
ATOM   21  C  C    . CYS A 1 2  ? -0.418 0.519   4.270   1.00 0.00 ? 2  CYS A C    1 
ATOM   22  O  O    . CYS A 1 2  ? 0.058  -0.608  4.456   1.00 0.00 ? 2  CYS A O    1 
ATOM   23  C  CB   . CYS A 1 2  ? -2.628 1.807   3.900   1.00 0.00 ? 2  CYS A CB   1 
ATOM   24  S  SG   . CYS A 1 2  ? -4.021 0.884   3.161   1.00 0.00 ? 2  CYS A SG   1 
ATOM   25  H  H    . CYS A 1 2  ? -1.785 1.166   7.065   1.00 0.00 ? 2  CYS A H    1 
ATOM   26  H  HA   . CYS A 1 2  ? -2.389 -0.018  5.035   1.00 0.00 ? 2  CYS A HA   1 
ATOM   27  H  HB2  . CYS A 1 2  ? -3.049 2.680   4.438   1.00 0.00 ? 2  CYS A HB2  1 
ATOM   28  H  HB3  . CYS A 1 2  ? -1.988 2.224   3.097   1.00 0.00 ? 2  CYS A HB3  1 
ATOM   29  N  N    . CYS A 1 3  ? 0.234  1.443   3.536   1.00 0.00 ? 3  CYS A N    1 
ATOM   30  C  CA   . CYS A 1 3  ? 1.559  1.195   2.888   1.00 0.00 ? 3  CYS A CA   1 
ATOM   31  C  C    . CYS A 1 3  ? 2.714  1.010   3.934   1.00 0.00 ? 3  CYS A C    1 
ATOM   32  O  O    . CYS A 1 3  ? 3.757  0.413   3.647   1.00 0.00 ? 3  CYS A O    1 
ATOM   33  C  CB   . CYS A 1 3  ? 1.812  2.379   1.922   1.00 0.00 ? 3  CYS A CB   1 
ATOM   34  S  SG   . CYS A 1 3  ? 1.379  1.931   0.205   1.00 0.00 ? 3  CYS A SG   1 
ATOM   35  H  H    . CYS A 1 3  ? -0.160 2.392   3.583   1.00 0.00 ? 3  CYS A H    1 
ATOM   36  H  HA   . CYS A 1 3  ? 1.503  0.269   2.278   1.00 0.00 ? 3  CYS A HA   1 
ATOM   37  H  HB2  . CYS A 1 3  ? 1.187  3.251   2.208   1.00 0.00 ? 3  CYS A HB2  1 
ATOM   38  H  HB3  . CYS A 1 3  ? 2.860  2.725   1.980   1.00 0.00 ? 3  CYS A HB3  1 
HETATM 39  N  N    . CGU A 1 4  ? 2.536  1.566   5.151   1.00 0.00 ? 4  CGU A N    1 
HETATM 40  C  CA   . CGU A 1 4  ? 3.353  1.219   6.353   1.00 0.00 ? 4  CGU A CA   1 
HETATM 41  C  C    . CGU A 1 4  ? 2.789  -0.042  7.100   1.00 0.00 ? 4  CGU A C    1 
HETATM 42  O  O    . CGU A 1 4  ? 3.526  -0.793  7.747   1.00 0.00 ? 4  CGU A O    1 
HETATM 43  C  CB   . CGU A 1 4  ? 3.469  2.481   7.265   1.00 0.00 ? 4  CGU A CB   1 
HETATM 44  C  CG   . CGU A 1 4  ? 4.434  3.624   6.797   1.00 0.00 ? 4  CGU A CG   1 
HETATM 45  C  CD1  . CGU A 1 4  ? 5.273  4.262   7.917   1.00 0.00 ? 4  CGU A CD1  1 
HETATM 46  C  CD2  . CGU A 1 4  ? 3.746  4.748   5.994   1.00 0.00 ? 4  CGU A CD2  1 
HETATM 47  O  OE11 . CGU A 1 4  ? 4.918  4.152   9.112   1.00 0.00 ? 4  CGU A OE11 1 
HETATM 48  O  OE12 . CGU A 1 4  ? 6.305  4.888   7.587   1.00 0.00 ? 4  CGU A OE12 1 
HETATM 49  O  OE21 . CGU A 1 4  ? 2.764  4.454   5.274   1.00 0.00 ? 4  CGU A OE21 1 
HETATM 50  O  OE22 . CGU A 1 4  ? 4.178  5.922   6.074   1.00 0.00 ? 4  CGU A OE22 1 
HETATM 51  H  H    . CGU A 1 4  ? 1.741  2.210   5.211   1.00 0.00 ? 4  CGU A H    1 
HETATM 52  H  HA   . CGU A 1 4  ? 4.377  0.959   6.019   1.00 0.00 ? 4  CGU A HA   1 
HETATM 53  H  HB2  . CGU A 1 4  ? 2.463  2.928   7.401   1.00 0.00 ? 4  CGU A HB2  1 
HETATM 54  H  HB3  . CGU A 1 4  ? 3.761  2.165   8.287   1.00 0.00 ? 4  CGU A HB3  1 
HETATM 55  H  HG   . CGU A 1 4  ? 5.201  3.168   6.149   1.00 0.00 ? 4  CGU A HG   1 
ATOM   56  N  N    . ASP A 1 5  ? 1.455  -0.242  7.046   1.00 0.00 ? 5  ASP A N    1 
ATOM   57  C  CA   . ASP A 1 5  ? 0.790  -1.531  7.409   1.00 0.00 ? 5  ASP A CA   1 
ATOM   58  C  C    . ASP A 1 5  ? 1.212  -2.722  6.480   1.00 0.00 ? 5  ASP A C    1 
ATOM   59  O  O    . ASP A 1 5  ? 0.966  -3.895  6.797   1.00 0.00 ? 5  ASP A O    1 
ATOM   60  C  CB   . ASP A 1 5  ? -0.745 -1.272  7.434   1.00 0.00 ? 5  ASP A CB   1 
ATOM   61  C  CG   . ASP A 1 5  ? -1.340 -0.662  8.701   1.00 0.00 ? 5  ASP A CG   1 
ATOM   62  O  OD1  . ASP A 1 5  ? -0.983 0.413   9.164   1.00 0.00 ? 5  ASP A OD1  1 
ATOM   63  O  OD2  . ASP A 1 5  ? -2.317 -1.431  9.259   1.00 0.00 ? 5  ASP A OD2  1 
ATOM   64  H  H    . ASP A 1 5  ? 0.922  0.557   6.689   1.00 0.00 ? 5  ASP A H    1 
ATOM   65  H  HA   . ASP A 1 5  ? 1.113  -1.791  8.441   1.00 0.00 ? 5  ASP A HA   1 
ATOM   66  H  HB2  . ASP A 1 5  ? -1.024 -0.589  6.611   1.00 0.00 ? 5  ASP A HB2  1 
ATOM   67  H  HB3  . ASP A 1 5  ? -1.284 -2.213  7.220   1.00 0.00 ? 5  ASP A HB3  1 
ATOM   68  H  HD2  . ASP A 1 5  ? -2.642 -0.980  10.039  1.00 0.00 ? 5  ASP A HD2  1 
ATOM   69  N  N    . GLY A 1 6  ? 1.895  -2.435  5.353   1.00 0.00 ? 6  GLY A N    1 
ATOM   70  C  CA   . GLY A 1 6  ? 2.578  -3.466  4.515   1.00 0.00 ? 6  GLY A CA   1 
ATOM   71  C  C    . GLY A 1 6  ? 1.666  -4.158  3.445   1.00 0.00 ? 6  GLY A C    1 
ATOM   72  O  O    . GLY A 1 6  ? 2.162  -4.851  2.543   1.00 0.00 ? 6  GLY A O    1 
ATOM   73  H  H    . GLY A 1 6  ? 2.067  -1.436  5.201   1.00 0.00 ? 6  GLY A H    1 
ATOM   74  H  HA2  . GLY A 1 6  ? 3.472  -3.042  4.014   1.00 0.00 ? 6  GLY A HA2  1 
ATOM   75  H  HA3  . GLY A 1 6  ? 2.972  -4.251  5.185   1.00 0.00 ? 6  GLY A HA3  1 
HETATM 76  N  N    . BTR A 1 7  ? 0.334  -3.955  3.512   1.00 0.00 ? 7  BTR A N    1 
HETATM 77  C  CA   . BTR A 1 7  ? -0.649 -4.665  2.634   1.00 0.00 ? 7  BTR A CA   1 
HETATM 78  C  C    . BTR A 1 7  ? -1.512 -3.666  1.787   1.00 0.00 ? 7  BTR A C    1 
HETATM 79  O  O    . BTR A 1 7  ? -2.723 -3.857  1.609   1.00 0.00 ? 7  BTR A O    1 
HETATM 80  C  CB   . BTR A 1 7  ? -1.605 -5.571  3.472   1.00 0.00 ? 7  BTR A CB   1 
HETATM 81  C  CG   . BTR A 1 7  ? -1.927 -5.077  4.889   1.00 0.00 ? 7  BTR A CG   1 
HETATM 82  C  CD1  . BTR A 1 7  ? -1.240 -5.438  6.066   1.00 0.00 ? 7  BTR A CD1  1 
HETATM 83  N  NE1  . BTR A 1 7  ? -1.816 -4.850  7.206   1.00 0.00 ? 7  BTR A NE1  1 
HETATM 84  C  CE2  . BTR A 1 7  ? -2.874 -4.109  6.707   1.00 0.00 ? 7  BTR A CE2  1 
HETATM 85  C  CD2  . BTR A 1 7  ? -2.954 -4.242  5.299   1.00 0.00 ? 7  BTR A CD2  1 
HETATM 86  C  CE3  . BTR A 1 7  ? -3.990 -3.598  4.575   1.00 0.00 ? 7  BTR A CE3  1 
HETATM 87  C  CZ3  . BTR A 1 7  ? -4.888 -2.793  5.277   1.00 0.00 ? 7  BTR A CZ3  1 
HETATM 88  C  CH2  . BTR A 1 7  ? -4.782 -2.622  6.663   1.00 0.00 ? 7  BTR A CH2  1 
HETATM 89  BR BR2  . BTR A 1 7  ? -6.011 -1.430  7.575   1.00 0.00 ? 7  BTR A BR2  1 
HETATM 90  C  CZ2  . BTR A 1 7  ? -3.802 -3.296  7.399   1.00 0.00 ? 7  BTR A CZ2  1 
HETATM 91  H  H    . BTR A 1 7  ? 0.018  -3.405  4.317   1.00 0.00 ? 7  BTR A H    1 
HETATM 92  H  HA   . BTR A 1 7  ? -0.099 -5.306  1.915   1.00 0.00 ? 7  BTR A HA   1 
HETATM 93  H  HB2  . BTR A 1 7  ? -2.546 -5.738  2.913   1.00 0.00 ? 7  BTR A HB2  1 
HETATM 94  H  HB3  . BTR A 1 7  ? -1.164 -6.581  3.577   1.00 0.00 ? 7  BTR A HB3  1 
HETATM 95  H  HD1  . BTR A 1 7  ? -0.367 -6.075  6.096   1.00 0.00 ? 7  BTR A HD1  1 
HETATM 96  H  HE1  . BTR A 1 7  ? -1.524 -4.952  8.183   1.00 0.00 ? 7  BTR A HE1  1 
HETATM 97  H  HE3  . BTR A 1 7  ? -4.083 -3.719  3.506   1.00 0.00 ? 7  BTR A HE3  1 
HETATM 98  H  HZ3  . BTR A 1 7  ? -5.680 -2.293  4.737   1.00 0.00 ? 7  BTR A HZ3  1 
HETATM 99  H  HZ2  . BTR A 1 7  ? -3.755 -3.195  8.473   1.00 0.00 ? 7  BTR A HZ2  1 
ATOM   100 N  N    . CYS A 1 8  ? -0.881 -2.618  1.217   1.00 0.00 ? 8  CYS A N    1 
ATOM   101 C  CA   . CYS A 1 8  ? -1.599 -1.519  0.500   1.00 0.00 ? 8  CYS A CA   1 
ATOM   102 C  C    . CYS A 1 8  ? -0.866 -1.061  -0.810  1.00 0.00 ? 8  CYS A C    1 
ATOM   103 O  O    . CYS A 1 8  ? -1.498 -0.802  -1.841  1.00 0.00 ? 8  CYS A O    1 
ATOM   104 C  CB   . CYS A 1 8  ? -1.780 -0.355  1.505   1.00 0.00 ? 8  CYS A CB   1 
ATOM   105 S  SG   . CYS A 1 8  ? -3.389 0.478   1.263   1.00 0.00 ? 8  CYS A SG   1 
ATOM   106 H  H    . CYS A 1 8  ? 0.116  -2.546  1.448   1.00 0.00 ? 8  CYS A H    1 
ATOM   107 H  HA   . CYS A 1 8  ? -2.611 -1.878  0.214   1.00 0.00 ? 8  CYS A HA   1 
ATOM   108 H  HB2  . CYS A 1 8  ? -1.697 -0.708  2.551   1.00 0.00 ? 8  CYS A HB2  1 
ATOM   109 H  HB3  . CYS A 1 8  ? -0.983 0.402   1.372   1.00 0.00 ? 8  CYS A HB3  1 
ATOM   110 N  N    . CYS A 1 9  ? 0.474  -0.923  -0.757  1.00 0.00 ? 9  CYS A N    1 
ATOM   111 C  CA   . CYS A 1 9  ? 1.300  -0.392  -1.883  1.00 0.00 ? 9  CYS A CA   1 
ATOM   112 C  C    . CYS A 1 9  ? 1.187  -1.258  -3.189  1.00 0.00 ? 9  CYS A C    1 
ATOM   113 O  O    . CYS A 1 9  ? 0.930  -2.467  -3.146  1.00 0.00 ? 9  CYS A O    1 
ATOM   114 C  CB   . CYS A 1 9  ? 2.763  -0.301  -1.378  1.00 0.00 ? 9  CYS A CB   1 
ATOM   115 S  SG   . CYS A 1 9  ? 3.132  1.331   -0.640  1.00 0.00 ? 9  CYS A SG   1 
ATOM   116 H  H    . CYS A 1 9  ? 0.894  -1.190  0.140   1.00 0.00 ? 9  CYS A H    1 
ATOM   117 H  HA   . CYS A 1 9  ? 0.957  0.634   -2.131  1.00 0.00 ? 9  CYS A HA   1 
ATOM   118 H  HB2  . CYS A 1 9  ? 2.947  -1.068  -0.599  1.00 0.00 ? 9  CYS A HB2  1 
ATOM   119 H  HB3  . CYS A 1 9  ? 3.483  -0.510  -2.193  1.00 0.00 ? 9  CYS A HB3  1 
ATOM   120 N  N    . THR A 1 10 ? 1.354  -0.621  -4.364  1.00 0.00 ? 10 THR A N    1 
ATOM   121 C  CA   . THR A 1 10 ? 1.183  -1.270  -5.705  1.00 0.00 ? 10 THR A CA   1 
ATOM   122 C  C    . THR A 1 10 ? 1.120  -0.147  -6.799  1.00 0.00 ? 10 THR A C    1 
ATOM   123 O  O    . THR A 1 10 ? 1.014  1.046   -6.483  1.00 0.00 ? 10 THR A O    1 
ATOM   124 C  CB   . THR A 1 10 ? -0.104 -2.168  -5.752  1.00 0.00 ? 10 THR A CB   1 
ATOM   125 O  OG1  . THR A 1 10 ? -0.388 -2.509  -7.158  1.00 0.00 ? 10 THR A OG1  1 
ATOM   126 C  CG2  . THR A 1 10 ? -1.350 -1.533  -5.064  1.00 0.00 ? 10 THR A CG2  1 
ATOM   127 H  H    . THR A 1 10 ? 1.621  0.368   -4.279  1.00 0.00 ? 10 THR A H    1 
ATOM   128 H  HA   . THR A 1 10 ? 2.061  -1.914  -5.919  1.00 0.00 ? 10 THR A HA   1 
ATOM   129 H  HB   . THR A 1 10 ? 0.138  -3.096  -5.198  1.00 0.00 ? 10 THR A HB   1 
ATOM   130 H  HG21 . THR A 1 10 ? -1.917 -2.272  -4.472  1.00 0.00 ? 10 THR A HG21 1 
ATOM   131 H  HG22 . THR A 1 10 ? -1.096 -0.753  -4.326  1.00 0.00 ? 10 THR A HG22 1 
ATOM   132 H  HG23 . THR A 1 10 ? -2.053 -1.087  -5.794  1.00 0.00 ? 10 THR A HG23 1 
ATOM   133 N  N    . ALA A 1 11 ? 1.213  -0.517  -8.093  1.00 0.00 ? 11 ALA A N    1 
ATOM   134 C  CA   . ALA A 1 11 ? 0.845  0.387   -9.227  1.00 0.00 ? 11 ALA A CA   1 
ATOM   135 C  C    . ALA A 1 11 ? -0.507 1.152   -8.985  1.00 0.00 ? 11 ALA A C    1 
ATOM   136 O  O    . ALA A 1 11 ? -0.511 2.301   -8.529  1.00 0.00 ? 11 ALA A O    1 
ATOM   137 C  CB   . ALA A 1 11 ? 0.810  -0.485  -10.499 1.00 0.00 ? 11 ALA A CB   1 
ATOM   138 H  H    . ALA A 1 11 ? 1.405  -1.514  -8.239  1.00 0.00 ? 11 ALA A H    1 
ATOM   139 H  HA   . ALA A 1 11 ? 1.638  1.153   -9.357  1.00 0.00 ? 11 ALA A HA   1 
ATOM   140 H  HB1  . ALA A 1 11 ? 1.323  -1.454  -10.346 1.00 0.00 ? 11 ALA A HB1  1 
ATOM   141 H  HB2  . ALA A 1 11 ? -0.223 -0.705  -10.830 1.00 0.00 ? 11 ALA A HB2  1 
ATOM   142 H  HB3  . ALA A 1 11 ? 1.321  0.006   -11.348 1.00 0.00 ? 11 ALA A HB3  1 
ATOM   143 N  N    . ALA A 1 12 ? -1.647 0.480   -9.244  1.00 0.00 ? 12 ALA A N    1 
ATOM   144 C  CA   . ALA A 1 12 ? -3.019 1.038   -9.039  1.00 0.00 ? 12 ALA A CA   1 
ATOM   145 C  C    . ALA A 1 12 ? -3.112 2.580   -9.374  1.00 0.00 ? 12 ALA A C    1 
ATOM   146 O  O    . ALA A 1 12 ? -3.115 3.390   -8.435  1.00 0.00 ? 12 ALA A O    1 
ATOM   147 C  CB   . ALA A 1 12 ? -3.412 0.742   -7.577  1.00 0.00 ? 12 ALA A CB   1 
ATOM   148 H  H    . ALA A 1 12 ? -1.510 -0.519  -9.450  1.00 0.00 ? 12 ALA A H    1 
ATOM   149 H  HA   . ALA A 1 12 ? -3.737 0.517   -9.708  1.00 0.00 ? 12 ALA A HA   1 
ATOM   150 H  HB1  . ALA A 1 12 ? -2.532 0.725   -6.908  1.00 0.00 ? 12 ALA A HB1  1 
ATOM   151 H  HB2  . ALA A 1 12 ? -4.095 1.514   -7.173  1.00 0.00 ? 12 ALA A HB2  1 
ATOM   152 H  HB3  . ALA A 1 12 ? -3.916 -0.237  -7.468  1.00 0.00 ? 12 ALA A HB3  1 
HETATM 153 N  N    . HYP A 1 13 ? -3.147 3.045   -10.662 1.00 0.00 ? 13 HYP A N    1 
HETATM 154 C  CA   . HYP A 1 13 ? -3.112 4.491   -11.021 1.00 0.00 ? 13 HYP A CA   1 
HETATM 155 C  C    . HYP A 1 13 ? -4.467 5.238   -10.902 1.00 0.00 ? 13 HYP A C    1 
HETATM 156 O  O    . HYP A 1 13 ? -4.583 6.461   -10.788 1.00 0.00 ? 13 HYP A O    1 
HETATM 157 C  CB   . HYP A 1 13 ? -2.592 4.435   -12.477 1.00 0.00 ? 13 HYP A CB   1 
HETATM 158 C  CG   . HYP A 1 13 ? -3.194 3.146   -13.043 1.00 0.00 ? 13 HYP A CG   1 
HETATM 159 C  CD   . HYP A 1 13 ? -3.142 2.173   -11.861 1.00 0.00 ? 13 HYP A CD   1 
HETATM 160 O  OD1  . HYP A 1 13 ? -2.447 2.675   -14.159 1.00 0.00 ? 13 HYP A OD1  1 
HETATM 161 O  OXT  . HYP A 1 13 ? -5.664 4.456   -10.924 1.00 0.00 ? 13 HYP A OXT  1 
HETATM 162 H  HA   . HYP A 1 13 ? -2.364 5.016   -10.396 1.00 0.00 ? 13 HYP A HA   1 
HETATM 163 H  HB2  . HYP A 1 13 ? -1.477 4.423   -12.536 1.00 0.00 ? 13 HYP A HB2  1 
HETATM 164 H  HB3  . HYP A 1 13 ? -2.904 5.349   -13.015 1.00 0.00 ? 13 HYP A HB3  1 
HETATM 165 H  HG   . HYP A 1 13 ? -4.255 3.290   -13.351 1.00 0.00 ? 13 HYP A HG   1 
HETATM 166 H  HD22 . HYP A 1 13 ? -2.254 1.516   -11.905 1.00 0.00 ? 13 HYP A HD22 1 
HETATM 167 H  HD23 . HYP A 1 13 ? -4.040 1.518   -11.843 1.00 0.00 ? 13 HYP A HD23 1 
HETATM 168 H  HD1  . HYP A 1 13 ? -1.660 2.263   -13.793 1.00 0.00 ? 13 HYP A HD1  1 
HETATM 169 H  HXT  . HYP A 1 13 ? -5.923 4.197   -9.962  1.00 0.00 ? 13 HYP A HXT  1 
HETATM 170 C  C1   . NGA B 2 .  ? 0.307  -3.600  -7.846  1.00 0.00 ? 1  NGA B C1   1 
HETATM 171 C  C2   . NGA B 2 .  ? -0.263 -5.008  -7.467  1.00 0.00 ? 1  NGA B C2   1 
HETATM 172 C  C3   . NGA B 2 .  ? -0.294 -5.940  -8.714  1.00 0.00 ? 1  NGA B C3   1 
HETATM 173 C  C4   . NGA B 2 .  ? 0.931  -5.671  -9.632  1.00 0.00 ? 1  NGA B C4   1 
HETATM 174 C  C5   . NGA B 2 .  ? 0.772  -4.258  -10.262 1.00 0.00 ? 1  NGA B C5   1 
HETATM 175 C  C6   . NGA B 2 .  ? -0.208 -4.214  -11.452 1.00 0.00 ? 1  NGA B C6   1 
HETATM 176 C  C7   . NGA B 2 .  ? 0.015  -6.228  -5.312  1.00 0.00 ? 1  NGA B C7   1 
HETATM 177 C  C8   . NGA B 2 .  ? 1.008  -6.840  -4.323  1.00 0.00 ? 1  NGA B C8   1 
HETATM 178 N  N2   . NGA B 2 .  ? 0.553  -5.603  -6.372  1.00 0.00 ? 1  NGA B N2   1 
HETATM 179 O  O3   . NGA B 2 .  ? -1.493 -5.737  -9.511  1.00 0.00 ? 1  NGA B O3   1 
HETATM 180 O  O4   . NGA B 2 .  ? 1.023  -6.678  -10.640 1.00 0.00 ? 1  NGA B O4   1 
HETATM 181 O  O5   . NGA B 2 .  ? 0.282  -3.311  -9.278  1.00 0.00 ? 1  NGA B O5   1 
HETATM 182 O  O6   . NGA B 2 .  ? 0.268  -3.369  -12.492 1.00 0.00 ? 1  NGA B O6   1 
HETATM 183 O  O7   . NGA B 2 .  ? -1.199 -6.345  -5.126  1.00 0.00 ? 1  NGA B O7   1 
HETATM 184 H  H1   . NGA B 2 .  ? 1.371  -3.555  -7.540  1.00 0.00 ? 1  NGA B H1   1 
HETATM 185 H  H2   . NGA B 2 .  ? -1.308 -4.886  -7.133  1.00 0.00 ? 1  NGA B H2   1 
HETATM 186 H  H3   . NGA B 2 .  ? -0.226 -6.990  -8.358  1.00 0.00 ? 1  NGA B H3   1 
HETATM 187 H  H4   . NGA B 2 .  ? 1.854  -5.703  -9.026  1.00 0.00 ? 1  NGA B H4   1 
HETATM 188 H  H5   . NGA B 2 .  ? 1.761  -3.914  -10.619 1.00 0.00 ? 1  NGA B H5   1 
HETATM 189 H  H61  . NGA B 2 .  ? -1.198 -3.852  -11.116 1.00 0.00 ? 1  NGA B H61  1 
HETATM 190 H  H62  . NGA B 2 .  ? -0.380 -5.230  -11.855 1.00 0.00 ? 1  NGA B H62  1 
HETATM 191 H  H81  . NGA B 2 .  ? 0.987  -6.339  -3.337  1.00 0.00 ? 1  NGA B H81  1 
HETATM 192 H  H82  . NGA B 2 .  ? 2.040  -6.776  -4.713  1.00 0.00 ? 1  NGA B H82  1 
HETATM 193 H  H83  . NGA B 2 .  ? 0.790  -7.910  -4.148  1.00 0.00 ? 1  NGA B H83  1 
HETATM 194 H  HN2  . NGA B 2 .  ? 1.579  -5.604  -6.400  1.00 0.00 ? 1  NGA B HN2  1 
HETATM 195 H  HO4  . NGA B 2 .  ? 0.139  -7.040  -10.737 1.00 0.00 ? 1  NGA B HO4  1 
HETATM 196 H  HO6  . NGA B 2 .  ? 0.718  -3.947  -13.112 1.00 0.00 ? 1  NGA B HO6  1 
HETATM 197 C  C1   . GAL B 2 .  ? -2.752 -5.473  -8.865  1.00 0.00 ? 2  GAL B C1   1 
HETATM 198 C  C2   . GAL B 2 .  ? -3.892 -5.445  -9.914  1.00 0.00 ? 2  GAL B C2   1 
HETATM 199 C  C3   . GAL B 2 .  ? -5.251 -5.707  -9.209  1.00 0.00 ? 2  GAL B C3   1 
HETATM 200 C  C4   . GAL B 2 .  ? -5.302 -7.097  -8.509  1.00 0.00 ? 2  GAL B C4   1 
HETATM 201 C  C5   . GAL B 2 .  ? -3.852 -7.617  -8.263  1.00 0.00 ? 2  GAL B C5   1 
HETATM 202 C  C6   . GAL B 2 .  ? -3.186 -8.314  -9.463  1.00 0.00 ? 2  GAL B C6   1 
HETATM 203 O  O2   . GAL B 2 .  ? -3.912 -4.181  -10.566 1.00 0.00 ? 2  GAL B O2   1 
HETATM 204 O  O3   . GAL B 2 .  ? -6.316 -5.595  -10.147 1.00 0.00 ? 2  GAL B O3   1 
HETATM 205 O  O4   . GAL B 2 .  ? -6.026 -8.017  -9.322  1.00 0.00 ? 2  GAL B O4   1 
HETATM 206 O  O5   . GAL B 2 .  ? -3.006 -6.506  -7.871  1.00 0.00 ? 2  GAL B O5   1 
HETATM 207 O  O6   . GAL B 2 .  ? -3.132 -9.721  -9.266  1.00 0.00 ? 2  GAL B O6   1 
HETATM 208 H  H1   . GAL B 2 .  ? -2.703 -4.482  -8.363  1.00 0.00 ? 2  GAL B H1   1 
HETATM 209 H  H2   . GAL B 2 .  ? -3.708 -6.232  -10.670 1.00 0.00 ? 2  GAL B H2   1 
HETATM 210 H  H3   . GAL B 2 .  ? -5.398 -4.925  -8.439  1.00 0.00 ? 2  GAL B H3   1 
HETATM 211 H  H4   . GAL B 2 .  ? -5.826 -6.998  -7.540  1.00 0.00 ? 2  GAL B H4   1 
HETATM 212 H  H5   . GAL B 2 .  ? -3.875 -8.350  -7.432  1.00 0.00 ? 2  GAL B H5   1 
HETATM 213 H  H61  . GAL B 2 .  ? -3.758 -8.105  -10.385 1.00 0.00 ? 2  GAL B H61  1 
HETATM 214 H  H62  . GAL B 2 .  ? -2.167 -7.922  -9.639  1.00 0.00 ? 2  GAL B H62  1 
HETATM 215 H  HO2  . GAL B 2 .  ? -4.304 -4.334  -11.429 1.00 0.00 ? 2  GAL B HO2  1 
HETATM 216 H  HO3  . GAL B 2 .  ? -5.939 -5.811  -11.003 1.00 0.00 ? 2  GAL B HO3  1 
HETATM 217 H  HO4  . GAL B 2 .  ? -6.950 -7.770  -9.244  1.00 0.00 ? 2  GAL B HO4  1 
HETATM 218 H  HO6  . GAL B 2 .  ? -3.090 -10.105 -10.144 1.00 0.00 ? 2  GAL B HO6  1 
# 
